data_4GOQ
#
_entry.id   4GOQ
#
_cell.length_a   59.730
_cell.length_b   59.730
_cell.length_c   323.010
_cell.angle_alpha   90.000
_cell.angle_beta   90.000
_cell.angle_gamma   120.000
#
_symmetry.space_group_name_H-M   'P 31 2 1'
#
loop_
_entity.id
_entity.type
_entity.pdbx_description
1 polymer 'hypothetical protein'
2 non-polymer GLYCEROL
3 water water
#
_entity_poly.entity_id   1
_entity_poly.type   'polypeptide(L)'
_entity_poly.pdbx_seq_one_letter_code
;G(MSE)LLSTDIWVAALIRRAELGGAFATVARKGDARAGAVLVKAVDRREGTARLFSEATRGDGERFW(MSE)QPVRSTF
EPDLDAYAERAARIDPDIWVVEIEDRDGRHFLTEPVES
;
_entity_poly.pdbx_strand_id   A,B,C,D,E
#
# COMPACT_ATOMS: atom_id res chain seq x y z
N LEU A 3 1.88 30.88 8.82
CA LEU A 3 2.67 31.07 10.04
C LEU A 3 4.19 31.03 9.69
N LEU A 4 4.83 29.88 9.87
CA LEU A 4 6.25 29.69 9.65
C LEU A 4 6.54 29.02 8.31
N SER A 5 7.48 29.60 7.52
CA SER A 5 7.87 29.00 6.24
C SER A 5 8.48 27.65 6.48
N THR A 6 8.14 26.67 5.63
CA THR A 6 8.62 25.29 5.77
C THR A 6 10.15 25.19 5.81
N ASP A 7 10.85 25.96 4.94
CA ASP A 7 12.31 25.88 4.87
C ASP A 7 12.96 26.29 6.20
N ILE A 8 12.34 27.25 6.94
CA ILE A 8 12.85 27.66 8.27
C ILE A 8 12.72 26.48 9.24
N TRP A 9 11.58 25.85 9.25
CA TRP A 9 11.27 24.70 10.10
C TRP A 9 12.21 23.51 9.75
N VAL A 10 12.44 23.28 8.45
CA VAL A 10 13.33 22.20 8.01
C VAL A 10 14.78 22.49 8.47
N ALA A 11 15.25 23.75 8.36
CA ALA A 11 16.59 24.16 8.81
C ALA A 11 16.75 23.86 10.30
N ALA A 12 15.72 24.13 11.11
CA ALA A 12 15.79 23.87 12.55
C ALA A 12 15.88 22.35 12.81
N LEU A 13 15.10 21.55 12.06
CA LEU A 13 15.11 20.09 12.25
C LEU A 13 16.50 19.50 11.91
N ILE A 14 17.06 19.90 10.75
CA ILE A 14 18.40 19.46 10.29
C ILE A 14 19.42 19.84 11.30
N ARG A 15 19.40 21.10 11.75
CA ARG A 15 20.34 21.63 12.72
C ARG A 15 20.30 20.81 14.01
N ARG A 16 19.09 20.60 14.56
CA ARG A 16 18.89 19.82 15.78
C ARG A 16 19.40 18.38 15.63
N ALA A 17 19.08 17.71 14.51
CA ALA A 17 19.51 16.33 14.28
C ALA A 17 21.02 16.26 14.20
N GLU A 18 21.66 17.18 13.44
CA GLU A 18 23.12 17.23 13.30
C GLU A 18 23.78 17.45 14.65
N LEU A 19 23.24 18.34 15.50
CA LEU A 19 23.77 18.59 16.85
C LEU A 19 23.64 17.38 17.76
N GLY A 20 22.65 16.52 17.49
CA GLY A 20 22.44 15.27 18.23
C GLY A 20 23.29 14.12 17.72
N GLY A 21 24.03 14.34 16.63
CA GLY A 21 24.89 13.31 16.04
C GLY A 21 24.24 12.50 14.95
N ALA A 22 23.05 12.90 14.52
CA ALA A 22 22.39 12.15 13.46
C ALA A 22 22.78 12.67 12.09
N PHE A 23 22.56 11.85 11.07
CA PHE A 23 22.78 12.26 9.69
C PHE A 23 21.40 12.75 9.22
N ALA A 24 21.27 14.03 8.81
CA ALA A 24 19.97 14.56 8.39
C ALA A 24 20.12 15.22 7.05
N THR A 25 19.34 14.78 6.07
CA THR A 25 19.47 15.38 4.75
CA THR A 25 19.44 15.29 4.70
C THR A 25 18.09 15.61 4.12
N VAL A 26 18.04 16.57 3.24
CA VAL A 26 16.82 16.91 2.54
C VAL A 26 16.82 16.00 1.30
N ALA A 27 15.94 15.00 1.30
CA ALA A 27 15.80 14.03 0.19
C ALA A 27 14.92 14.60 -0.91
N ARG A 28 14.08 15.57 -0.56
CA ARG A 28 13.26 16.29 -1.56
C ARG A 28 13.01 17.71 -1.06
N LYS A 29 13.39 18.69 -1.86
CA LYS A 29 13.18 20.08 -1.51
C LYS A 29 11.84 20.51 -2.08
N GLY A 30 10.85 20.73 -1.22
CA GLY A 30 9.53 21.16 -1.68
C GLY A 30 9.35 22.66 -1.70
N ASP A 31 8.08 23.12 -1.71
CA ASP A 31 7.74 24.54 -1.70
C ASP A 31 8.24 25.20 -0.41
N ALA A 32 9.09 26.25 -0.56
CA ALA A 32 9.75 26.91 0.59
C ALA A 32 8.78 27.45 1.64
N ARG A 33 7.69 28.10 1.20
CA ARG A 33 6.81 28.77 2.16
C ARG A 33 5.73 27.86 2.77
N ALA A 34 5.11 26.97 2.00
CA ALA A 34 3.96 26.23 2.48
C ALA A 34 3.97 24.75 2.16
N GLY A 35 5.10 24.22 1.68
CA GLY A 35 5.14 22.80 1.37
C GLY A 35 5.01 21.91 2.59
N ALA A 36 4.25 20.81 2.43
CA ALA A 36 4.12 19.78 3.48
C ALA A 36 5.45 19.08 3.67
N VAL A 37 5.62 18.32 4.75
CA VAL A 37 6.87 17.61 5.04
C VAL A 37 6.61 16.14 5.41
N LEU A 38 7.44 15.24 4.85
CA LEU A 38 7.53 13.83 5.22
C LEU A 38 8.84 13.66 5.92
N VAL A 39 8.86 13.02 7.09
CA VAL A 39 10.11 12.75 7.79
C VAL A 39 10.31 11.25 7.87
N LYS A 40 11.42 10.75 7.34
CA LYS A 40 11.80 9.34 7.41
C LYS A 40 12.88 9.21 8.48
N ALA A 41 12.57 8.55 9.60
CA ALA A 41 13.53 8.39 10.69
C ALA A 41 14.05 6.96 10.69
N VAL A 42 15.34 6.78 10.42
CA VAL A 42 15.96 5.47 10.31
C VAL A 42 16.75 5.18 11.57
N ASP A 43 16.46 4.02 12.20
CA ASP A 43 17.13 3.54 13.41
C ASP A 43 18.23 2.61 12.93
N ARG A 44 19.47 3.10 12.97
CA ARG A 44 20.65 2.38 12.47
C ARG A 44 20.91 1.12 13.30
N ARG A 45 20.67 1.18 14.62
CA ARG A 45 20.89 0.05 15.53
C ARG A 45 19.86 -1.06 15.35
N GLU A 46 18.56 -0.72 15.40
CA GLU A 46 17.48 -1.70 15.28
C GLU A 46 17.26 -2.19 13.84
N GLY A 47 17.85 -1.49 12.87
CA GLY A 47 17.71 -1.82 11.45
C GLY A 47 16.28 -1.60 10.98
N THR A 48 15.60 -0.58 11.57
CA THR A 48 14.22 -0.30 11.23
C THR A 48 14.00 1.19 10.94
N ALA A 49 12.82 1.54 10.41
CA ALA A 49 12.56 2.93 10.05
C ALA A 49 11.08 3.29 10.18
N ARG A 50 10.83 4.59 10.36
CA ARG A 50 9.48 5.09 10.48
C ARG A 50 9.30 6.27 9.54
N LEU A 51 8.07 6.50 9.12
CA LEU A 51 7.76 7.64 8.25
C LEU A 51 6.66 8.45 8.94
N PHE A 52 6.88 9.77 9.06
CA PHE A 52 5.96 10.69 9.73
C PHE A 52 5.46 11.73 8.74
N SER A 53 4.14 11.97 8.74
CA SER A 53 3.46 13.00 7.95
C SER A 53 2.64 13.91 8.90
N GLU A 54 2.31 15.10 8.42
CA GLU A 54 1.61 16.10 9.22
C GLU A 54 0.13 15.85 9.36
N ALA A 55 -0.40 16.10 10.54
CA ALA A 55 -1.82 16.01 10.84
C ALA A 55 -2.19 17.13 11.79
N THR A 56 -3.52 17.34 12.01
CA THR A 56 -4.01 18.39 12.91
C THR A 56 -5.13 17.87 13.80
N ARG A 57 -5.22 18.46 14.99
CA ARG A 57 -6.28 18.17 15.95
C ARG A 57 -7.45 19.13 15.68
N GLY A 58 -8.63 18.79 16.18
CA GLY A 58 -9.85 19.60 16.04
C GLY A 58 -9.80 21.03 16.56
N ASP A 59 -8.60 21.49 16.99
CA ASP A 59 -8.35 22.85 17.50
C ASP A 59 -7.23 23.55 16.67
N GLY A 60 -6.65 22.82 15.70
CA GLY A 60 -5.59 23.31 14.82
C GLY A 60 -4.15 22.97 15.19
N GLU A 61 -3.94 22.33 16.37
CA GLU A 61 -2.61 21.92 16.86
C GLU A 61 -1.98 20.87 15.91
N ARG A 62 -0.71 21.06 15.54
CA ARG A 62 0.01 20.16 14.66
C ARG A 62 0.60 18.99 15.41
N PHE A 63 0.49 17.79 14.82
CA PHE A 63 1.10 16.59 15.34
C PHE A 63 1.57 15.71 14.16
N TRP A 64 2.38 14.71 14.47
CA TRP A 64 2.89 13.81 13.42
C TRP A 64 2.23 12.43 13.52
N GLN A 66 1.82 8.42 11.48
CA GLN A 66 2.55 7.47 10.61
C GLN A 66 1.56 6.99 9.56
N PRO A 67 1.68 7.49 8.32
CA PRO A 67 0.69 7.14 7.29
C PRO A 67 0.87 5.73 6.71
N VAL A 68 2.01 5.12 7.04
CA VAL A 68 2.39 3.77 6.62
C VAL A 68 3.34 3.24 7.69
N ARG A 69 3.19 1.95 8.06
CA ARG A 69 4.05 1.30 9.03
C ARG A 69 4.57 0.05 8.41
N SER A 70 5.90 -0.14 8.47
CA SER A 70 6.53 -1.33 7.93
C SER A 70 7.94 -1.49 8.46
N THR A 71 8.35 -2.73 8.76
CA THR A 71 9.74 -3.03 9.13
C THR A 71 10.59 -3.19 7.85
N PHE A 72 9.92 -3.15 6.67
CA PHE A 72 10.58 -3.27 5.35
C PHE A 72 10.67 -1.89 4.73
N GLU A 73 11.86 -1.26 4.87
CA GLU A 73 12.12 0.13 4.51
C GLU A 73 11.69 0.50 3.05
N PRO A 74 11.86 -0.38 2.03
CA PRO A 74 11.40 0.04 0.68
C PRO A 74 9.92 0.42 0.60
N ASP A 75 9.05 -0.10 1.52
CA ASP A 75 7.64 0.34 1.59
C ASP A 75 7.54 1.84 1.95
N LEU A 76 8.47 2.33 2.77
CA LEU A 76 8.48 3.76 3.17
C LEU A 76 8.95 4.60 2.01
N ASP A 77 9.92 4.08 1.23
CA ASP A 77 10.44 4.76 0.02
C ASP A 77 9.34 4.76 -1.04
N ALA A 78 8.58 3.64 -1.19
CA ALA A 78 7.46 3.59 -2.14
C ALA A 78 6.40 4.65 -1.76
N TYR A 79 6.08 4.76 -0.48
CA TYR A 79 5.14 5.75 0.04
C TYR A 79 5.61 7.18 -0.25
N ALA A 80 6.90 7.47 -0.03
CA ALA A 80 7.48 8.83 -0.27
C ALA A 80 7.38 9.22 -1.75
N GLU A 81 7.69 8.28 -2.66
CA GLU A 81 7.61 8.54 -4.09
C GLU A 81 6.15 8.87 -4.46
N ARG A 82 5.20 8.06 -3.96
CA ARG A 82 3.79 8.29 -4.27
C ARG A 82 3.32 9.65 -3.71
N ALA A 83 3.77 9.98 -2.49
CA ALA A 83 3.42 11.24 -1.82
C ALA A 83 3.87 12.47 -2.62
N ALA A 84 5.04 12.36 -3.30
CA ALA A 84 5.57 13.48 -4.11
C ALA A 84 4.80 13.60 -5.43
N ARG A 85 4.10 12.53 -5.89
CA ARG A 85 3.24 12.63 -7.08
C ARG A 85 1.90 13.23 -6.67
N ILE A 86 1.38 12.81 -5.52
CA ILE A 86 0.12 13.31 -4.95
C ILE A 86 0.29 14.82 -4.66
N ASP A 87 1.44 15.18 -4.07
CA ASP A 87 1.79 16.54 -3.71
C ASP A 87 3.19 16.93 -4.21
N PRO A 88 3.29 17.56 -5.41
CA PRO A 88 4.60 17.97 -5.95
C PRO A 88 5.31 19.07 -5.15
N ASP A 89 4.65 19.68 -4.13
CA ASP A 89 5.26 20.72 -3.27
C ASP A 89 5.87 20.11 -1.97
N ILE A 90 5.77 18.78 -1.82
CA ILE A 90 6.20 18.12 -0.59
C ILE A 90 7.75 18.06 -0.41
N TRP A 91 8.16 18.21 0.84
CA TRP A 91 9.53 18.03 1.31
C TRP A 91 9.67 16.63 1.84
N VAL A 92 10.87 16.07 1.72
CA VAL A 92 11.16 14.77 2.33
C VAL A 92 12.47 14.96 3.05
N VAL A 93 12.50 14.62 4.34
CA VAL A 93 13.68 14.75 5.18
C VAL A 93 14.02 13.39 5.70
N GLU A 94 15.27 12.95 5.50
CA GLU A 94 15.67 11.62 5.99
C GLU A 94 16.67 11.84 7.12
N ILE A 95 16.41 11.18 8.27
CA ILE A 95 17.25 11.29 9.43
C ILE A 95 17.73 9.89 9.79
N GLU A 96 19.03 9.72 9.88
CA GLU A 96 19.65 8.45 10.24
C GLU A 96 20.31 8.63 11.59
N ASP A 97 19.78 7.94 12.59
CA ASP A 97 20.26 8.10 13.95
C ASP A 97 20.47 6.75 14.61
N ARG A 98 21.53 6.65 15.42
CA ARG A 98 21.92 5.47 16.19
C ARG A 98 20.76 4.99 17.09
N ASP A 99 19.93 5.92 17.59
CA ASP A 99 18.78 5.61 18.45
C ASP A 99 17.41 5.72 17.71
N GLY A 100 17.44 5.98 16.41
CA GLY A 100 16.23 6.12 15.60
C GLY A 100 15.38 7.34 15.92
N ARG A 101 15.97 8.32 16.64
CA ARG A 101 15.32 9.59 17.04
C ARG A 101 14.86 10.32 15.82
N HIS A 102 13.71 10.96 15.92
CA HIS A 102 13.18 11.75 14.81
C HIS A 102 13.47 13.26 15.00
N PHE A 103 13.86 13.72 16.23
CA PHE A 103 14.17 15.13 16.56
C PHE A 103 12.99 16.11 16.30
N LEU A 104 11.77 15.58 16.24
CA LEU A 104 10.58 16.42 16.03
C LEU A 104 10.15 17.04 17.35
N THR A 105 9.81 18.33 17.35
CA THR A 105 9.39 18.97 18.63
C THR A 105 7.89 18.85 18.88
N GLU A 106 7.09 18.70 17.81
CA GLU A 106 5.63 18.57 17.90
C GLU A 106 5.27 17.16 18.38
N PRO A 107 4.05 16.94 18.94
CA PRO A 107 3.68 15.59 19.37
C PRO A 107 3.64 14.60 18.21
N VAL A 108 3.94 13.35 18.53
CA VAL A 108 4.02 12.29 17.55
C VAL A 108 3.03 11.16 17.94
N GLU A 109 2.40 10.56 16.93
CA GLU A 109 1.51 9.39 17.07
C GLU A 109 2.43 8.14 17.01
N SER A 110 2.44 7.36 18.10
CA SER A 110 3.24 6.12 18.20
C SER A 110 2.76 5.02 17.26
N LEU B 3 13.00 15.92 -8.29
CA LEU B 3 13.40 16.52 -7.04
C LEU B 3 13.75 15.40 -6.01
N LEU B 4 13.06 14.23 -6.07
CA LEU B 4 13.29 13.14 -5.07
C LEU B 4 14.67 12.49 -5.24
N SER B 5 15.36 12.25 -4.10
CA SER B 5 16.68 11.59 -4.08
CA SER B 5 16.67 11.62 -4.08
C SER B 5 16.65 10.31 -4.90
N THR B 6 17.61 10.16 -5.84
CA THR B 6 17.64 9.00 -6.72
C THR B 6 17.55 7.67 -5.95
N ASP B 7 18.32 7.51 -4.86
CA ASP B 7 18.33 6.24 -4.13
C ASP B 7 16.94 5.83 -3.61
N ILE B 8 16.17 6.81 -3.07
CA ILE B 8 14.78 6.57 -2.61
C ILE B 8 13.89 6.24 -3.84
N TRP B 9 14.01 7.04 -4.91
CA TRP B 9 13.21 6.82 -6.13
C TRP B 9 13.46 5.42 -6.73
N VAL B 10 14.72 4.97 -6.75
CA VAL B 10 15.08 3.65 -7.30
C VAL B 10 14.51 2.55 -6.37
N ALA B 11 14.61 2.74 -5.05
CA ALA B 11 14.09 1.76 -4.10
C ALA B 11 12.58 1.59 -4.31
N ALA B 12 11.84 2.70 -4.54
CA ALA B 12 10.39 2.70 -4.80
C ALA B 12 10.05 1.97 -6.11
N LEU B 13 10.82 2.23 -7.17
CA LEU B 13 10.63 1.59 -8.49
C LEU B 13 10.80 0.07 -8.39
N ILE B 14 11.90 -0.37 -7.75
CA ILE B 14 12.21 -1.79 -7.58
C ILE B 14 11.12 -2.44 -6.73
N ARG B 15 10.64 -1.73 -5.68
CA ARG B 15 9.61 -2.25 -4.80
C ARG B 15 8.28 -2.45 -5.58
N ARG B 16 7.86 -1.45 -6.37
CA ARG B 16 6.63 -1.59 -7.20
C ARG B 16 6.77 -2.75 -8.19
N ALA B 17 7.92 -2.88 -8.86
CA ALA B 17 8.14 -3.94 -9.84
C ALA B 17 8.07 -5.32 -9.21
N GLU B 18 8.80 -5.54 -8.10
CA GLU B 18 8.81 -6.84 -7.43
CA GLU B 18 8.82 -6.83 -7.40
C GLU B 18 7.42 -7.21 -6.88
N LEU B 19 6.65 -6.24 -6.32
CA LEU B 19 5.31 -6.54 -5.79
C LEU B 19 4.34 -6.91 -6.91
N GLY B 20 4.67 -6.53 -8.15
CA GLY B 20 3.97 -6.88 -9.37
C GLY B 20 4.43 -8.21 -9.97
N GLY B 21 5.47 -8.80 -9.38
CA GLY B 21 5.99 -10.10 -9.81
C GLY B 21 7.22 -10.04 -10.68
N ALA B 22 7.70 -8.84 -11.03
CA ALA B 22 8.89 -8.69 -11.89
C ALA B 22 10.18 -8.93 -11.13
N PHE B 23 11.21 -9.38 -11.84
CA PHE B 23 12.54 -9.49 -11.28
C PHE B 23 13.18 -8.12 -11.55
N ALA B 24 13.59 -7.41 -10.49
CA ALA B 24 14.10 -6.05 -10.62
C ALA B 24 15.35 -5.89 -9.83
N THR B 25 16.44 -5.39 -10.48
CA THR B 25 17.74 -5.23 -9.84
CA THR B 25 17.74 -5.21 -9.83
C THR B 25 18.43 -3.94 -10.28
N VAL B 26 19.43 -3.53 -9.50
CA VAL B 26 20.27 -2.39 -9.81
C VAL B 26 21.48 -2.99 -10.51
N ALA B 27 21.63 -2.76 -11.82
CA ALA B 27 22.79 -3.22 -12.58
C ALA B 27 23.98 -2.27 -12.35
N ARG B 28 23.70 -0.98 -12.09
CA ARG B 28 24.75 0.01 -11.81
C ARG B 28 24.23 1.02 -10.83
N LYS B 29 24.94 1.19 -9.72
CA LYS B 29 24.59 2.14 -8.65
C LYS B 29 25.34 3.46 -8.89
N GLY B 30 24.62 4.54 -9.14
CA GLY B 30 25.28 5.82 -9.37
C GLY B 30 25.23 6.72 -8.15
N ASP B 31 25.22 8.04 -8.38
CA ASP B 31 25.17 9.02 -7.31
C ASP B 31 23.86 8.91 -6.52
N ALA B 32 23.95 8.72 -5.18
CA ALA B 32 22.80 8.49 -4.29
C ALA B 32 21.75 9.60 -4.33
N ARG B 33 22.16 10.87 -4.33
CA ARG B 33 21.26 12.02 -4.28
C ARG B 33 20.68 12.44 -5.64
N ALA B 34 21.49 12.55 -6.70
CA ALA B 34 20.95 13.13 -7.93
C ALA B 34 21.44 12.47 -9.23
N GLY B 35 21.93 11.25 -9.13
CA GLY B 35 22.36 10.51 -10.31
C GLY B 35 21.20 10.27 -11.24
N ALA B 36 21.45 10.39 -12.55
CA ALA B 36 20.45 10.10 -13.58
C ALA B 36 20.22 8.60 -13.60
N VAL B 37 19.09 8.15 -14.15
CA VAL B 37 18.74 6.73 -14.16
C VAL B 37 18.37 6.27 -15.57
N LEU B 38 18.86 5.11 -15.92
CA LEU B 38 18.38 4.38 -17.11
C LEU B 38 17.53 3.19 -16.63
N VAL B 39 16.38 2.96 -17.24
CA VAL B 39 15.53 1.82 -16.86
C VAL B 39 15.38 0.90 -18.06
N LYS B 40 15.91 -0.33 -17.95
CA LYS B 40 15.77 -1.32 -19.03
C LYS B 40 14.61 -2.29 -18.66
N ALA B 41 13.51 -2.30 -19.46
CA ALA B 41 12.36 -3.18 -19.21
C ALA B 41 12.39 -4.33 -20.21
N VAL B 42 12.72 -5.54 -19.72
CA VAL B 42 12.85 -6.74 -20.59
C VAL B 42 11.53 -7.48 -20.61
N ASP B 43 10.97 -7.68 -21.80
CA ASP B 43 9.74 -8.46 -21.99
C ASP B 43 10.17 -9.91 -22.20
N ARG B 44 10.04 -10.68 -21.12
CA ARG B 44 10.44 -12.07 -20.97
C ARG B 44 9.77 -13.00 -21.99
N ARG B 45 8.51 -12.69 -22.38
CA ARG B 45 7.72 -13.53 -23.27
C ARG B 45 7.72 -13.06 -24.76
N GLU B 46 7.95 -11.76 -25.02
CA GLU B 46 7.94 -11.23 -26.38
C GLU B 46 9.32 -11.18 -27.05
N GLY B 47 10.38 -11.50 -26.29
CA GLY B 47 11.73 -11.51 -26.83
C GLY B 47 12.22 -10.12 -27.23
N THR B 48 11.76 -9.09 -26.50
CA THR B 48 12.09 -7.67 -26.70
C THR B 48 12.40 -6.98 -25.38
N ALA B 49 13.07 -5.84 -25.46
CA ALA B 49 13.37 -4.98 -24.32
C ALA B 49 13.31 -3.54 -24.77
N ARG B 50 13.07 -2.64 -23.84
CA ARG B 50 13.02 -1.20 -24.08
C ARG B 50 13.88 -0.56 -23.03
N LEU B 51 14.53 0.54 -23.35
CA LEU B 51 15.34 1.27 -22.38
C LEU B 51 14.86 2.70 -22.34
N PHE B 52 14.63 3.21 -21.13
CA PHE B 52 14.09 4.55 -20.88
C PHE B 52 15.11 5.45 -20.20
N SER B 53 15.16 6.72 -20.63
CA SER B 53 15.99 7.76 -20.06
C SER B 53 15.16 8.99 -19.80
N GLU B 54 15.63 9.80 -18.86
CA GLU B 54 14.94 11.00 -18.41
C GLU B 54 15.01 12.13 -19.41
N ALA B 55 13.89 12.83 -19.55
CA ALA B 55 13.75 14.02 -20.37
C ALA B 55 12.81 14.98 -19.64
N THR B 56 12.58 16.17 -20.23
CA THR B 56 11.68 17.21 -19.67
C THR B 56 10.75 17.78 -20.74
N GLU B 61 9.11 19.17 -15.05
CA GLU B 61 8.22 18.05 -15.34
C GLU B 61 8.99 16.91 -16.04
N ARG B 62 9.35 15.90 -15.24
CA ARG B 62 10.07 14.71 -15.68
C ARG B 62 9.17 13.83 -16.58
N PHE B 63 9.77 13.31 -17.69
CA PHE B 63 9.15 12.35 -18.59
C PHE B 63 10.23 11.41 -19.12
N TRP B 64 9.83 10.20 -19.48
CA TRP B 64 10.74 9.18 -19.99
C TRP B 64 10.61 9.00 -21.49
N GLN B 66 12.80 6.95 -25.13
CA GLN B 66 13.67 5.83 -25.49
C GLN B 66 14.80 6.37 -26.34
N PRO B 67 16.03 6.53 -25.81
CA PRO B 67 17.12 7.12 -26.62
C PRO B 67 17.62 6.21 -27.73
N VAL B 68 17.41 4.90 -27.61
CA VAL B 68 17.89 3.93 -28.62
C VAL B 68 16.71 3.43 -29.42
N ARG B 69 16.81 3.49 -30.76
CA ARG B 69 15.75 3.00 -31.63
C ARG B 69 15.94 1.49 -31.79
N SER B 70 15.76 0.75 -30.68
CA SER B 70 15.95 -0.70 -30.74
C SER B 70 15.16 -1.40 -29.66
N THR B 71 14.74 -2.64 -29.96
CA THR B 71 14.09 -3.55 -29.01
C THR B 71 15.05 -4.72 -28.71
N PHE B 72 16.26 -4.69 -29.30
CA PHE B 72 17.26 -5.75 -29.14
C PHE B 72 18.08 -5.48 -27.88
N GLU B 73 17.86 -6.32 -26.87
CA GLU B 73 18.45 -6.13 -25.52
C GLU B 73 19.98 -5.86 -25.52
N PRO B 74 20.84 -6.60 -26.28
CA PRO B 74 22.29 -6.26 -26.31
C PRO B 74 22.55 -4.83 -26.79
N ASP B 75 21.73 -4.24 -27.71
CA ASP B 75 21.91 -2.83 -28.13
C ASP B 75 21.69 -1.87 -26.97
N LEU B 76 20.73 -2.23 -26.11
CA LEU B 76 20.39 -1.38 -24.94
C LEU B 76 21.46 -1.48 -23.87
N ASP B 77 21.99 -2.68 -23.64
CA ASP B 77 23.09 -2.90 -22.68
C ASP B 77 24.32 -2.15 -23.16
N ALA B 78 24.59 -2.17 -24.49
CA ALA B 78 25.73 -1.44 -25.08
C ALA B 78 25.56 0.08 -24.85
N TYR B 79 24.35 0.59 -25.08
CA TYR B 79 24.04 2.00 -24.82
C TYR B 79 24.26 2.38 -23.34
N ALA B 80 23.82 1.51 -22.41
CA ALA B 80 23.97 1.78 -20.98
C ALA B 80 25.46 1.87 -20.63
N GLU B 81 26.31 1.07 -21.28
CA GLU B 81 27.79 1.15 -21.09
C GLU B 81 28.31 2.50 -21.58
N ARG B 82 27.83 2.95 -22.73
CA ARG B 82 28.25 4.25 -23.25
C ARG B 82 27.80 5.37 -22.32
N ALA B 83 26.52 5.35 -21.91
CA ALA B 83 25.95 6.38 -21.01
C ALA B 83 26.75 6.48 -19.70
N ALA B 84 27.22 5.32 -19.17
CA ALA B 84 28.00 5.33 -17.92
C ALA B 84 29.42 5.90 -18.12
N ARG B 85 30.01 5.76 -19.31
CA ARG B 85 31.31 6.34 -19.64
C ARG B 85 31.13 7.87 -19.72
N ILE B 86 30.02 8.35 -20.35
CA ILE B 86 29.75 9.81 -20.45
C ILE B 86 29.36 10.37 -19.08
N ASP B 87 28.56 9.59 -18.30
CA ASP B 87 28.10 10.06 -16.98
C ASP B 87 28.38 8.98 -15.92
N PRO B 88 29.54 9.08 -15.24
CA PRO B 88 29.89 8.08 -14.20
C PRO B 88 28.97 8.06 -12.98
N ASP B 89 28.01 9.00 -12.88
CA ASP B 89 27.06 9.07 -11.77
C ASP B 89 25.73 8.37 -12.10
N ILE B 90 25.60 7.81 -13.31
CA ILE B 90 24.34 7.21 -13.73
C ILE B 90 24.04 5.89 -13.01
N TRP B 91 22.74 5.62 -12.84
CA TRP B 91 22.20 4.34 -12.37
C TRP B 91 21.64 3.58 -13.55
N VAL B 92 21.66 2.26 -13.47
CA VAL B 92 21.01 1.43 -14.45
C VAL B 92 20.15 0.44 -13.66
N VAL B 93 18.85 0.46 -13.90
CA VAL B 93 17.91 -0.45 -13.24
C VAL B 93 17.39 -1.39 -14.32
N GLU B 94 17.39 -2.68 -14.04
CA GLU B 94 16.90 -3.68 -14.99
C GLU B 94 15.66 -4.35 -14.42
N ILE B 95 14.59 -4.37 -15.22
CA ILE B 95 13.32 -4.98 -14.81
C ILE B 95 12.95 -6.08 -15.80
N GLU B 96 12.82 -7.34 -15.34
CA GLU B 96 12.44 -8.46 -16.23
C GLU B 96 11.01 -8.83 -15.88
N ASP B 97 10.08 -8.54 -16.79
CA ASP B 97 8.67 -8.72 -16.48
C ASP B 97 7.95 -9.53 -17.53
N ARG B 98 6.96 -10.32 -17.07
CA ARG B 98 6.13 -11.17 -17.94
C ARG B 98 5.46 -10.39 -19.08
N ASP B 99 5.14 -9.09 -18.83
CA ASP B 99 4.52 -8.21 -19.83
C ASP B 99 5.44 -7.06 -20.24
N GLY B 100 6.72 -7.13 -19.89
CA GLY B 100 7.68 -6.08 -20.25
C GLY B 100 7.40 -4.72 -19.63
N ARG B 101 6.60 -4.68 -18.54
CA ARG B 101 6.24 -3.46 -17.81
C ARG B 101 7.46 -2.76 -17.24
N HIS B 102 7.45 -1.43 -17.31
CA HIS B 102 8.55 -0.62 -16.84
C HIS B 102 8.24 -0.11 -15.41
N PHE B 103 6.96 -0.11 -14.98
CA PHE B 103 6.48 0.32 -13.63
C PHE B 103 6.80 1.80 -13.36
N LEU B 104 7.10 2.58 -14.42
CA LEU B 104 7.40 4.02 -14.27
C LEU B 104 6.10 4.78 -13.98
N THR B 105 6.15 5.77 -13.07
CA THR B 105 4.95 6.51 -12.64
C THR B 105 4.87 7.90 -13.25
N GLU B 106 5.99 8.40 -13.80
CA GLU B 106 6.02 9.67 -14.51
C GLU B 106 5.56 9.42 -15.96
N PRO B 107 5.19 10.45 -16.76
CA PRO B 107 4.78 10.18 -18.14
C PRO B 107 5.93 9.53 -18.96
N VAL B 108 5.54 8.57 -19.82
CA VAL B 108 6.45 7.81 -20.67
C VAL B 108 5.98 8.06 -22.09
N GLU B 109 6.85 8.61 -22.96
CA GLU B 109 6.54 8.89 -24.36
C GLU B 109 6.06 7.64 -25.08
N SER B 110 4.98 7.80 -25.87
CA SER B 110 4.37 6.73 -26.68
C SER B 110 4.26 7.20 -28.14
N LEU C 3 -12.22 -21.23 4.34
CA LEU C 3 -11.33 -22.27 3.88
C LEU C 3 -9.84 -21.87 4.10
N LEU C 4 -9.47 -20.58 3.97
CA LEU C 4 -8.06 -20.17 4.09
C LEU C 4 -7.54 -20.28 5.53
N SER C 5 -6.30 -20.85 5.71
CA SER C 5 -5.63 -20.99 7.02
CA SER C 5 -5.66 -21.01 7.02
C SER C 5 -5.68 -19.67 7.78
N THR C 6 -6.14 -19.71 9.03
CA THR C 6 -6.26 -18.51 9.84
C THR C 6 -4.94 -17.74 9.96
N ASP C 7 -3.81 -18.44 10.17
CA ASP C 7 -2.55 -17.73 10.31
C ASP C 7 -2.19 -16.90 9.07
N ILE C 8 -2.49 -17.39 7.85
CA ILE C 8 -2.25 -16.62 6.61
C ILE C 8 -3.26 -15.45 6.54
N TRP C 9 -4.55 -15.71 6.83
CA TRP C 9 -5.59 -14.68 6.82
C TRP C 9 -5.24 -13.53 7.80
N VAL C 10 -4.74 -13.88 9.01
CA VAL C 10 -4.39 -12.88 10.05
C VAL C 10 -3.14 -12.08 9.58
N ALA C 11 -2.15 -12.76 9.00
CA ALA C 11 -0.95 -12.07 8.49
C ALA C 11 -1.33 -11.05 7.41
N ALA C 12 -2.28 -11.41 6.54
CA ALA C 12 -2.75 -10.52 5.45
C ALA C 12 -3.50 -9.31 6.03
N LEU C 13 -4.36 -9.55 7.01
CA LEU C 13 -5.12 -8.46 7.66
C LEU C 13 -4.16 -7.44 8.31
N ILE C 14 -3.20 -7.93 9.12
CA ILE C 14 -2.23 -7.08 9.82
C ILE C 14 -1.37 -6.32 8.80
N ARG C 15 -0.99 -6.97 7.68
CA ARG C 15 -0.17 -6.37 6.63
C ARG C 15 -0.93 -5.21 5.97
N ARG C 16 -2.22 -5.41 5.64
CA ARG C 16 -3.06 -4.37 5.02
C ARG C 16 -3.24 -3.17 5.96
N ALA C 17 -3.45 -3.46 7.22
CA ALA C 17 -3.69 -2.46 8.28
C ALA C 17 -2.45 -1.59 8.46
N GLU C 18 -1.26 -2.24 8.59
CA GLU C 18 -0.01 -1.51 8.79
CA GLU C 18 -0.01 -1.51 8.79
C GLU C 18 0.36 -0.68 7.55
N LEU C 19 0.21 -1.27 6.33
CA LEU C 19 0.54 -0.52 5.11
C LEU C 19 -0.41 0.68 4.95
N GLY C 20 -1.55 0.62 5.60
CA GLY C 20 -2.53 1.70 5.61
C GLY C 20 -2.31 2.72 6.70
N GLY C 21 -1.30 2.50 7.55
CA GLY C 21 -0.94 3.41 8.63
C GLY C 21 -1.41 3.07 10.04
N ALA C 22 -2.21 2.00 10.17
CA ALA C 22 -2.75 1.60 11.47
C ALA C 22 -1.76 0.74 12.22
N PHE C 23 -1.86 0.77 13.55
CA PHE C 23 -1.10 -0.12 14.39
C PHE C 23 -1.95 -1.38 14.50
N ALA C 24 -1.38 -2.54 14.19
CA ALA C 24 -2.10 -3.81 14.21
C ALA C 24 -1.24 -4.87 14.85
N THR C 25 -1.80 -5.65 15.80
CA THR C 25 -1.07 -6.70 16.49
CA THR C 25 -1.09 -6.73 16.49
C THR C 25 -1.99 -7.91 16.81
N VAL C 26 -1.37 -9.05 17.07
CA VAL C 26 -2.06 -10.25 17.51
C VAL C 26 -2.03 -10.19 19.05
N ALA C 27 -3.19 -9.91 19.69
CA ALA C 27 -3.32 -9.89 21.15
C ALA C 27 -3.39 -11.32 21.67
N ARG C 28 -3.95 -12.23 20.84
CA ARG C 28 -4.05 -13.63 21.21
C ARG C 28 -3.91 -14.48 19.98
N LYS C 29 -2.96 -15.40 20.00
CA LYS C 29 -2.69 -16.31 18.88
C LYS C 29 -3.44 -17.64 19.10
N GLY C 30 -4.41 -17.93 18.25
CA GLY C 30 -5.20 -19.14 18.36
C GLY C 30 -4.70 -20.25 17.45
N ASP C 31 -5.60 -21.18 17.10
CA ASP C 31 -5.29 -22.31 16.22
C ASP C 31 -4.87 -21.82 14.84
N ALA C 32 -3.64 -22.17 14.41
CA ALA C 32 -3.05 -21.72 13.13
C ALA C 32 -3.92 -22.08 11.91
N ARG C 33 -4.51 -23.27 11.89
CA ARG C 33 -5.26 -23.69 10.70
C ARG C 33 -6.68 -23.17 10.65
N ALA C 34 -7.41 -23.30 11.76
CA ALA C 34 -8.86 -23.05 11.70
C ALA C 34 -9.44 -22.31 12.89
N GLY C 35 -8.60 -21.65 13.68
CA GLY C 35 -9.10 -20.88 14.81
C GLY C 35 -9.98 -19.72 14.37
N ALA C 36 -11.08 -19.47 15.14
CA ALA C 36 -11.97 -18.32 14.90
C ALA C 36 -11.19 -17.01 15.21
N VAL C 37 -11.61 -15.87 14.64
CA VAL C 37 -10.91 -14.61 14.88
C VAL C 37 -11.87 -13.56 15.40
N LEU C 38 -11.43 -12.82 16.41
CA LEU C 38 -12.10 -11.59 16.86
C LEU C 38 -11.26 -10.43 16.41
N VAL C 39 -11.88 -9.41 15.85
CA VAL C 39 -11.12 -8.22 15.40
C VAL C 39 -11.61 -7.02 16.19
N LYS C 40 -10.70 -6.41 16.96
CA LYS C 40 -11.01 -5.21 17.75
C LYS C 40 -10.42 -4.01 17.01
N ALA C 41 -11.29 -3.15 16.48
CA ALA C 41 -10.93 -1.92 15.76
C ALA C 41 -11.10 -0.71 16.72
N VAL C 42 -9.98 -0.11 17.14
CA VAL C 42 -9.97 1.01 18.11
C VAL C 42 -9.88 2.29 17.31
N ASP C 43 -10.85 3.20 17.52
CA ASP C 43 -10.94 4.50 16.82
C ASP C 43 -10.39 5.57 17.72
N ARG C 44 -9.16 5.99 17.44
CA ARG C 44 -8.42 6.96 18.26
C ARG C 44 -9.13 8.32 18.34
N ARG C 45 -9.66 8.81 17.21
CA ARG C 45 -10.33 10.11 17.15
C ARG C 45 -11.65 10.12 17.92
N GLU C 46 -12.51 9.10 17.72
CA GLU C 46 -13.83 9.08 18.35
CA GLU C 46 -13.84 8.95 18.32
C GLU C 46 -13.77 8.49 19.79
N GLY C 47 -12.63 7.94 20.19
CA GLY C 47 -12.40 7.43 21.54
C GLY C 47 -13.13 6.14 21.84
N THR C 48 -13.65 5.46 20.81
CA THR C 48 -14.44 4.24 20.95
C THR C 48 -13.71 3.07 20.31
N ALA C 49 -14.25 1.87 20.49
CA ALA C 49 -13.77 0.67 19.82
C ALA C 49 -14.98 -0.15 19.42
N ARG C 50 -14.78 -1.06 18.45
CA ARG C 50 -15.77 -2.02 17.96
C ARG C 50 -15.11 -3.37 17.92
N LEU C 51 -15.86 -4.42 18.23
CA LEU C 51 -15.30 -5.75 18.15
C LEU C 51 -16.15 -6.55 17.15
N PHE C 52 -15.47 -7.22 16.22
CA PHE C 52 -16.14 -7.98 15.17
C PHE C 52 -15.85 -9.48 15.29
N SER C 53 -16.89 -10.30 15.02
CA SER C 53 -16.80 -11.75 14.95
C SER C 53 -17.46 -12.24 13.64
N GLU C 54 -17.07 -13.45 13.20
CA GLU C 54 -17.50 -14.09 11.95
C GLU C 54 -18.97 -14.52 12.00
N ALA C 55 -19.74 -14.27 10.91
CA ALA C 55 -21.14 -14.66 10.74
C ALA C 55 -21.52 -14.96 9.27
N THR C 56 -22.65 -15.68 9.06
CA THR C 56 -23.15 -16.02 7.72
C THR C 56 -24.61 -15.54 7.57
N ARG C 57 -24.89 -14.81 6.48
CA ARG C 57 -26.22 -14.25 6.17
C ARG C 57 -27.15 -15.34 5.60
N ARG C 62 -19.50 -15.76 4.56
CA ARG C 62 -18.76 -15.05 5.60
C ARG C 62 -19.11 -13.54 5.59
N PHE C 63 -19.43 -12.98 6.79
CA PHE C 63 -19.73 -11.56 7.04
C PHE C 63 -19.35 -11.24 8.51
N TRP C 64 -19.20 -9.95 8.86
CA TRP C 64 -18.76 -9.57 10.22
C TRP C 64 -19.83 -8.87 11.01
N GLN C 66 -21.10 -7.60 15.26
CA GLN C 66 -20.63 -7.12 16.56
C GLN C 66 -21.34 -7.93 17.64
N PRO C 67 -20.66 -8.90 18.28
CA PRO C 67 -21.36 -9.72 19.30
C PRO C 67 -21.72 -8.94 20.56
N VAL C 68 -20.96 -7.87 20.88
CA VAL C 68 -21.20 -7.02 22.04
C VAL C 68 -21.82 -5.71 21.59
N ARG C 69 -22.89 -5.30 22.24
CA ARG C 69 -23.55 -4.03 21.96
C ARG C 69 -22.86 -2.95 22.79
N SER C 70 -21.60 -2.65 22.46
CA SER C 70 -20.80 -1.64 23.16
C SER C 70 -19.76 -1.07 22.26
N THR C 71 -19.40 0.18 22.54
CA THR C 71 -18.32 0.96 21.92
C THR C 71 -17.22 1.23 22.96
N PHE C 72 -17.41 0.70 24.19
CA PHE C 72 -16.51 0.98 25.30
C PHE C 72 -15.44 -0.11 25.35
N GLU C 73 -14.20 0.25 24.99
CA GLU C 73 -13.09 -0.70 24.82
C GLU C 73 -12.93 -1.71 25.98
N PRO C 74 -12.97 -1.34 27.29
CA PRO C 74 -12.89 -2.37 28.34
C PRO C 74 -13.99 -3.45 28.28
N ASP C 75 -15.23 -3.12 27.79
CA ASP C 75 -16.30 -4.14 27.62
C ASP C 75 -15.91 -5.16 26.55
N LEU C 76 -15.23 -4.69 25.51
CA LEU C 76 -14.79 -5.55 24.40
C LEU C 76 -13.65 -6.43 24.82
N ASP C 77 -12.72 -5.90 25.65
CA ASP C 77 -11.59 -6.69 26.14
C ASP C 77 -12.09 -7.78 27.09
N ALA C 78 -13.10 -7.46 27.91
CA ALA C 78 -13.74 -8.41 28.83
C ALA C 78 -14.41 -9.52 28.01
N TYR C 79 -15.12 -9.15 26.95
CA TYR C 79 -15.75 -10.14 26.07
C TYR C 79 -14.70 -11.07 25.44
N ALA C 80 -13.55 -10.49 24.97
CA ALA C 80 -12.47 -11.30 24.38
C ALA C 80 -11.92 -12.32 25.39
N GLU C 81 -11.93 -11.98 26.70
CA GLU C 81 -11.47 -12.92 27.73
C GLU C 81 -12.46 -14.07 27.87
N ARG C 82 -13.76 -13.75 27.90
CA ARG C 82 -14.81 -14.77 27.98
C ARG C 82 -14.77 -15.72 26.75
N ALA C 83 -14.64 -15.14 25.57
CA ALA C 83 -14.59 -15.85 24.29
C ALA C 83 -13.45 -16.84 24.25
N ALA C 84 -12.28 -16.49 24.83
CA ALA C 84 -11.11 -17.38 24.84
C ALA C 84 -11.31 -18.51 25.87
N ARG C 85 -12.10 -18.24 26.94
CA ARG C 85 -12.42 -19.25 27.96
C ARG C 85 -13.33 -20.32 27.31
N ILE C 86 -14.29 -19.88 26.47
CA ILE C 86 -15.22 -20.78 25.77
C ILE C 86 -14.50 -21.45 24.61
N ASP C 87 -13.66 -20.69 23.89
CA ASP C 87 -12.98 -21.25 22.71
C ASP C 87 -11.46 -21.03 22.84
N PRO C 88 -10.71 -22.01 23.40
CA PRO C 88 -9.25 -21.81 23.56
C PRO C 88 -8.48 -21.68 22.22
N ASP C 89 -9.12 -21.96 21.08
CA ASP C 89 -8.45 -21.80 19.77
C ASP C 89 -8.65 -20.44 19.11
N ILE C 90 -9.36 -19.50 19.77
CA ILE C 90 -9.66 -18.22 19.14
C ILE C 90 -8.44 -17.27 19.05
N TRP C 91 -8.44 -16.45 17.98
CA TRP C 91 -7.48 -15.38 17.79
C TRP C 91 -8.12 -14.07 18.20
N VAL C 92 -7.29 -13.12 18.65
CA VAL C 92 -7.72 -11.76 18.90
C VAL C 92 -6.72 -10.83 18.20
N VAL C 93 -7.21 -10.05 17.23
CA VAL C 93 -6.41 -9.09 16.49
C VAL C 93 -6.90 -7.69 16.86
N GLU C 94 -6.00 -6.82 17.24
CA GLU C 94 -6.29 -5.44 17.61
C GLU C 94 -5.73 -4.52 16.56
N ILE C 95 -6.58 -3.60 16.07
CA ILE C 95 -6.22 -2.60 15.05
C ILE C 95 -6.50 -1.22 15.64
N GLU C 96 -5.47 -0.37 15.78
CA GLU C 96 -5.67 0.99 16.32
C GLU C 96 -5.47 1.97 15.18
N ASP C 97 -6.53 2.66 14.85
CA ASP C 97 -6.49 3.58 13.71
C ASP C 97 -7.16 4.88 14.04
N ARG C 98 -6.56 6.01 13.57
CA ARG C 98 -7.10 7.36 13.77
C ARG C 98 -8.56 7.46 13.27
N ASP C 99 -8.91 6.74 12.18
CA ASP C 99 -10.26 6.73 11.60
C ASP C 99 -11.10 5.52 12.08
N GLY C 100 -10.51 4.62 12.84
CA GLY C 100 -11.20 3.44 13.30
C GLY C 100 -11.40 2.39 12.21
N ARG C 101 -10.64 2.48 11.09
CA ARG C 101 -10.68 1.47 10.01
C ARG C 101 -10.42 0.07 10.57
N HIS C 102 -11.19 -0.95 10.12
CA HIS C 102 -11.04 -2.33 10.55
C HIS C 102 -10.24 -3.14 9.48
N PHE C 103 -10.12 -2.59 8.24
CA PHE C 103 -9.42 -3.21 7.07
C PHE C 103 -10.02 -4.60 6.69
N LEU C 104 -11.26 -4.90 7.12
CA LEU C 104 -11.88 -6.18 6.76
C LEU C 104 -12.39 -6.10 5.32
N THR C 105 -12.12 -7.17 4.55
CA THR C 105 -12.39 -7.31 3.11
C THR C 105 -13.69 -8.05 2.87
N GLU C 106 -14.05 -8.96 3.79
CA GLU C 106 -15.33 -9.65 3.80
C GLU C 106 -16.41 -8.61 4.16
N PRO C 107 -17.73 -8.84 3.95
CA PRO C 107 -18.72 -7.80 4.34
C PRO C 107 -18.79 -7.60 5.87
N VAL C 108 -19.19 -6.40 6.30
CA VAL C 108 -19.27 -5.97 7.70
C VAL C 108 -20.66 -5.37 7.93
N GLU C 109 -21.27 -5.62 9.12
CA GLU C 109 -22.60 -5.14 9.53
C GLU C 109 -22.48 -3.84 10.33
N LEU D 3 -8.12 -31.76 -17.78
CA LEU D 3 -7.13 -32.84 -17.82
C LEU D 3 -7.23 -33.70 -16.52
N LEU D 4 -6.38 -33.41 -15.55
CA LEU D 4 -6.23 -34.08 -14.28
C LEU D 4 -6.88 -33.24 -13.19
N SER D 5 -7.70 -33.85 -12.34
CA SER D 5 -8.35 -33.14 -11.23
C SER D 5 -7.29 -32.51 -10.30
N THR D 6 -7.53 -31.26 -9.89
CA THR D 6 -6.60 -30.55 -9.03
C THR D 6 -6.21 -31.34 -7.75
N ASP D 7 -7.16 -32.00 -7.07
CA ASP D 7 -6.84 -32.73 -5.84
C ASP D 7 -5.85 -33.87 -6.10
N ILE D 8 -5.92 -34.51 -7.27
CA ILE D 8 -4.95 -35.58 -7.61
C ILE D 8 -3.56 -34.94 -7.78
N TRP D 9 -3.49 -33.84 -8.50
CA TRP D 9 -2.21 -33.14 -8.73
C TRP D 9 -1.62 -32.69 -7.38
N VAL D 10 -2.47 -32.13 -6.47
CA VAL D 10 -2.04 -31.68 -5.14
C VAL D 10 -1.51 -32.87 -4.33
N ALA D 11 -2.22 -34.01 -4.36
CA ALA D 11 -1.78 -35.22 -3.65
C ALA D 11 -0.40 -35.67 -4.12
N ALA D 12 -0.14 -35.60 -5.44
CA ALA D 12 1.19 -35.96 -5.94
C ALA D 12 2.24 -34.97 -5.36
N LEU D 13 1.92 -33.68 -5.37
CA LEU D 13 2.82 -32.63 -4.85
C LEU D 13 3.14 -32.87 -3.36
N ILE D 14 2.13 -33.16 -2.52
CA ILE D 14 2.36 -33.43 -1.09
C ILE D 14 3.29 -34.66 -0.91
N ARG D 15 3.01 -35.75 -1.63
CA ARG D 15 3.81 -36.96 -1.55
C ARG D 15 5.28 -36.70 -1.99
N ARG D 16 5.47 -35.97 -3.10
CA ARG D 16 6.80 -35.67 -3.63
C ARG D 16 7.59 -34.82 -2.65
N ALA D 17 6.91 -33.83 -1.99
CA ALA D 17 7.55 -32.99 -0.97
C ALA D 17 7.92 -33.84 0.25
N GLU D 18 7.03 -34.76 0.69
CA GLU D 18 7.28 -35.68 1.82
C GLU D 18 8.52 -36.54 1.55
N LEU D 19 8.63 -37.10 0.32
CA LEU D 19 9.76 -37.94 -0.08
C LEU D 19 11.09 -37.15 -0.05
N GLY D 20 11.02 -35.83 -0.27
CA GLY D 20 12.17 -34.94 -0.22
C GLY D 20 12.54 -34.43 1.16
N GLY D 21 11.85 -34.93 2.19
CA GLY D 21 12.07 -34.55 3.57
C GLY D 21 11.49 -33.22 3.97
N ALA D 22 10.61 -32.64 3.10
CA ALA D 22 9.94 -31.37 3.31
C ALA D 22 8.56 -31.55 3.95
N PHE D 23 7.92 -30.44 4.35
CA PHE D 23 6.59 -30.51 4.95
C PHE D 23 5.61 -29.70 4.10
N ALA D 24 4.69 -30.42 3.44
CA ALA D 24 3.66 -29.83 2.60
C ALA D 24 2.31 -29.95 3.27
N THR D 25 1.57 -28.85 3.29
CA THR D 25 0.22 -28.84 3.89
CA THR D 25 0.25 -28.76 3.92
C THR D 25 -0.70 -27.98 3.03
N VAL D 26 -1.96 -28.32 3.05
CA VAL D 26 -2.95 -27.60 2.27
C VAL D 26 -3.47 -26.49 3.17
N ALA D 27 -3.18 -25.22 2.80
CA ALA D 27 -3.61 -24.03 3.55
C ALA D 27 -4.97 -23.53 3.08
N ARG D 28 -5.42 -24.00 1.91
CA ARG D 28 -6.77 -23.72 1.38
C ARG D 28 -7.14 -24.82 0.41
N LYS D 29 -8.22 -25.53 0.70
CA LYS D 29 -8.71 -26.61 -0.14
C LYS D 29 -9.73 -25.98 -1.10
N GLY D 30 -9.37 -25.85 -2.38
CA GLY D 30 -10.26 -25.25 -3.37
C GLY D 30 -11.10 -26.26 -4.11
N ASP D 31 -11.58 -25.89 -5.32
CA ASP D 31 -12.41 -26.79 -6.15
C ASP D 31 -11.58 -28.02 -6.54
N ALA D 32 -12.06 -29.22 -6.20
CA ALA D 32 -11.34 -30.46 -6.43
C ALA D 32 -11.04 -30.70 -7.89
N ARG D 33 -11.99 -30.41 -8.78
CA ARG D 33 -11.79 -30.81 -10.17
C ARG D 33 -10.98 -29.83 -10.99
N ALA D 34 -11.23 -28.52 -10.83
CA ALA D 34 -10.63 -27.54 -11.72
C ALA D 34 -10.10 -26.30 -11.02
N GLY D 35 -9.95 -26.33 -9.70
CA GLY D 35 -9.44 -25.18 -8.97
C GLY D 35 -7.99 -24.85 -9.32
N ALA D 36 -7.67 -23.55 -9.45
CA ALA D 36 -6.30 -23.10 -9.68
C ALA D 36 -5.50 -23.30 -8.39
N VAL D 37 -4.17 -23.23 -8.46
CA VAL D 37 -3.34 -23.49 -7.28
C VAL D 37 -2.31 -22.40 -7.10
N LEU D 38 -2.06 -22.04 -5.86
CA LEU D 38 -0.95 -21.19 -5.44
C LEU D 38 -0.03 -22.05 -4.61
N VAL D 39 1.26 -21.98 -4.85
CA VAL D 39 2.22 -22.76 -4.07
C VAL D 39 3.16 -21.79 -3.35
N LYS D 40 3.18 -21.88 -2.01
CA LYS D 40 4.05 -21.02 -1.21
C LYS D 40 5.21 -21.87 -0.73
N ALA D 41 6.40 -21.61 -1.26
CA ALA D 41 7.58 -22.43 -0.94
C ALA D 41 8.46 -21.67 0.05
N VAL D 42 8.50 -22.13 1.30
CA VAL D 42 9.21 -21.47 2.40
C VAL D 42 10.56 -22.16 2.65
N ASP D 43 11.64 -21.38 2.60
CA ASP D 43 13.00 -21.82 2.88
C ASP D 43 13.27 -21.60 4.36
N ARG D 44 13.30 -22.69 5.15
CA ARG D 44 13.55 -22.69 6.59
C ARG D 44 14.91 -22.07 6.96
N ARG D 45 15.99 -22.51 6.27
CA ARG D 45 17.37 -22.06 6.53
C ARG D 45 17.60 -20.57 6.19
N GLU D 46 17.14 -20.12 5.01
CA GLU D 46 17.34 -18.75 4.53
C GLU D 46 16.33 -17.77 5.13
N GLY D 47 15.24 -18.28 5.70
CA GLY D 47 14.19 -17.46 6.28
C GLY D 47 13.48 -16.63 5.24
N THR D 48 13.23 -17.21 4.04
CA THR D 48 12.54 -16.51 2.95
C THR D 48 11.53 -17.44 2.29
N ALA D 49 10.65 -16.88 1.45
CA ALA D 49 9.62 -17.67 0.80
C ALA D 49 9.33 -17.14 -0.58
N ARG D 50 8.80 -17.99 -1.44
CA ARG D 50 8.39 -17.63 -2.77
C ARG D 50 6.96 -18.06 -2.96
N LEU D 51 6.21 -17.38 -3.84
CA LEU D 51 4.83 -17.75 -4.17
C LEU D 51 4.69 -17.95 -5.67
N PHE D 52 4.18 -19.13 -6.06
CA PHE D 52 4.00 -19.55 -7.45
C PHE D 52 2.55 -19.67 -7.82
N SER D 53 2.21 -19.20 -9.02
CA SER D 53 0.87 -19.29 -9.61
C SER D 53 0.99 -19.87 -11.02
N GLU D 54 -0.12 -20.41 -11.52
CA GLU D 54 -0.19 -21.08 -12.82
C GLU D 54 -0.22 -20.11 -14.00
N ALA D 55 0.43 -20.52 -15.08
CA ALA D 55 0.44 -19.78 -16.34
C ALA D 55 0.43 -20.78 -17.51
N THR D 56 -0.03 -20.36 -18.69
CA THR D 56 -0.11 -21.21 -19.90
C THR D 56 0.55 -20.50 -21.08
N ARG D 57 1.35 -21.22 -21.85
CA ARG D 57 1.98 -20.63 -23.04
C ARG D 57 1.01 -20.75 -24.22
N GLY D 58 1.29 -20.02 -25.30
CA GLY D 58 0.48 -20.01 -26.53
C GLY D 58 0.18 -21.37 -27.12
N ASP D 59 0.99 -22.39 -26.76
CA ASP D 59 0.86 -23.77 -27.25
C ASP D 59 -0.01 -24.65 -26.30
N GLY D 60 -0.27 -24.14 -25.09
CA GLY D 60 -1.07 -24.82 -24.06
C GLY D 60 -0.29 -25.42 -22.91
N GLU D 61 1.05 -25.28 -22.94
CA GLU D 61 1.97 -25.82 -21.94
C GLU D 61 1.85 -25.06 -20.61
N ARG D 62 1.62 -25.81 -19.52
CA ARG D 62 1.55 -25.25 -18.18
C ARG D 62 2.94 -24.92 -17.67
N PHE D 63 3.06 -23.76 -17.02
CA PHE D 63 4.29 -23.36 -16.37
C PHE D 63 3.92 -22.53 -15.14
N TRP D 64 4.87 -22.38 -14.21
CA TRP D 64 4.70 -21.61 -12.99
C TRP D 64 5.48 -20.31 -13.07
N GLN D 66 5.99 -16.27 -10.71
CA GLN D 66 5.85 -15.63 -9.41
C GLN D 66 5.06 -14.34 -9.62
N PRO D 67 3.78 -14.30 -9.21
CA PRO D 67 2.98 -13.08 -9.42
C PRO D 67 3.34 -11.92 -8.47
N VAL D 68 4.10 -12.22 -7.42
CA VAL D 68 4.59 -11.30 -6.39
C VAL D 68 5.94 -11.83 -5.91
N ARG D 69 6.91 -10.94 -5.74
CA ARG D 69 8.23 -11.26 -5.22
C ARG D 69 8.48 -10.35 -4.04
N SER D 70 8.84 -10.92 -2.91
CA SER D 70 9.16 -10.17 -1.71
C SER D 70 9.92 -11.04 -0.73
N THR D 71 10.93 -10.46 -0.09
CA THR D 71 11.64 -11.17 0.98
C THR D 71 10.81 -11.07 2.28
N PHE D 72 9.77 -10.21 2.29
CA PHE D 72 8.87 -10.03 3.42
C PHE D 72 7.64 -10.92 3.23
N GLU D 73 7.64 -12.09 3.92
CA GLU D 73 6.62 -13.12 3.80
C GLU D 73 5.17 -12.59 3.93
N PRO D 74 4.83 -11.61 4.80
CA PRO D 74 3.42 -11.16 4.82
C PRO D 74 2.92 -10.59 3.48
N ASP D 75 3.80 -10.11 2.56
CA ASP D 75 3.34 -9.71 1.22
C ASP D 75 2.78 -10.91 0.44
N LEU D 76 3.37 -12.10 0.63
CA LEU D 76 2.88 -13.32 -0.04
C LEU D 76 1.53 -13.76 0.57
N ASP D 77 1.41 -13.66 1.91
CA ASP D 77 0.15 -14.00 2.58
C ASP D 77 -0.93 -13.02 2.15
N ALA D 78 -0.60 -11.70 2.05
CA ALA D 78 -1.55 -10.67 1.58
C ALA D 78 -2.01 -11.02 0.14
N TYR D 79 -1.07 -11.44 -0.73
CA TYR D 79 -1.42 -11.83 -2.10
C TYR D 79 -2.35 -13.06 -2.11
N ALA D 80 -2.02 -14.07 -1.32
CA ALA D 80 -2.82 -15.31 -1.28
C ALA D 80 -4.26 -15.01 -0.79
N GLU D 81 -4.42 -14.15 0.23
CA GLU D 81 -5.75 -13.80 0.74
C GLU D 81 -6.56 -13.07 -0.35
N ARG D 82 -5.94 -12.11 -1.07
CA ARG D 82 -6.55 -11.35 -2.16
CA ARG D 82 -6.67 -11.38 -2.11
C ARG D 82 -7.02 -12.33 -3.26
N ALA D 83 -6.09 -13.24 -3.66
CA ALA D 83 -6.34 -14.20 -4.74
C ALA D 83 -7.52 -15.14 -4.42
N ALA D 84 -7.68 -15.53 -3.14
CA ALA D 84 -8.80 -16.39 -2.71
C ALA D 84 -10.13 -15.62 -2.71
N ARG D 85 -10.10 -14.28 -2.63
CA ARG D 85 -11.31 -13.48 -2.75
C ARG D 85 -11.67 -13.31 -4.22
N ILE D 86 -10.65 -13.05 -5.08
CA ILE D 86 -10.85 -12.92 -6.53
C ILE D 86 -11.36 -14.27 -7.07
N ASP D 87 -10.75 -15.37 -6.58
CA ASP D 87 -11.09 -16.73 -7.00
C ASP D 87 -11.40 -17.65 -5.78
N PRO D 88 -12.68 -17.78 -5.37
CA PRO D 88 -13.04 -18.65 -4.23
C PRO D 88 -12.81 -20.17 -4.46
N ASP D 89 -12.37 -20.56 -5.66
CA ASP D 89 -12.09 -21.97 -6.01
C ASP D 89 -10.60 -22.32 -5.92
N ILE D 90 -9.74 -21.37 -5.54
CA ILE D 90 -8.28 -21.55 -5.52
C ILE D 90 -7.77 -22.37 -4.32
N TRP D 91 -6.75 -23.18 -4.58
CA TRP D 91 -6.03 -23.96 -3.58
C TRP D 91 -4.82 -23.17 -3.14
N VAL D 92 -4.40 -23.35 -1.88
CA VAL D 92 -3.15 -22.79 -1.40
C VAL D 92 -2.39 -23.95 -0.79
N VAL D 93 -1.19 -24.20 -1.26
CA VAL D 93 -0.35 -25.27 -0.72
C VAL D 93 0.91 -24.64 -0.17
N GLU D 94 1.24 -24.92 1.10
CA GLU D 94 2.47 -24.38 1.67
C GLU D 94 3.49 -25.51 1.80
N ILE D 95 4.73 -25.28 1.36
CA ILE D 95 5.79 -26.30 1.44
C ILE D 95 6.96 -25.68 2.20
N GLU D 96 7.33 -26.29 3.35
CA GLU D 96 8.45 -25.89 4.17
C GLU D 96 9.59 -26.87 3.93
N ASP D 97 10.67 -26.36 3.33
CA ASP D 97 11.80 -27.18 2.97
C ASP D 97 13.11 -26.48 3.35
N ARG D 98 14.08 -27.26 3.86
CA ARG D 98 15.40 -26.77 4.25
C ARG D 98 16.10 -26.02 3.10
N ASP D 99 15.73 -26.33 1.83
CA ASP D 99 16.33 -25.68 0.66
C ASP D 99 15.35 -24.75 -0.09
N GLY D 100 14.13 -24.59 0.42
CA GLY D 100 13.10 -23.77 -0.21
C GLY D 100 12.58 -24.28 -1.55
N ARG D 101 12.78 -25.59 -1.82
CA ARG D 101 12.30 -26.26 -3.05
C ARG D 101 10.78 -26.22 -3.11
N HIS D 102 10.24 -26.06 -4.32
CA HIS D 102 8.80 -26.00 -4.59
C HIS D 102 8.23 -27.38 -5.01
N PHE D 103 9.11 -28.33 -5.43
CA PHE D 103 8.79 -29.71 -5.88
C PHE D 103 7.78 -29.75 -7.07
N LEU D 104 7.74 -28.68 -7.88
CA LEU D 104 6.92 -28.60 -9.08
C LEU D 104 7.65 -29.26 -10.22
N THR D 105 6.95 -30.12 -10.98
CA THR D 105 7.55 -30.87 -12.11
C THR D 105 7.38 -30.13 -13.43
N GLU D 106 6.43 -29.17 -13.50
CA GLU D 106 6.20 -28.36 -14.70
C GLU D 106 7.28 -27.27 -14.79
N PRO D 107 7.54 -26.64 -15.96
CA PRO D 107 8.56 -25.58 -16.00
C PRO D 107 8.21 -24.42 -15.07
N VAL D 108 9.23 -23.87 -14.40
CA VAL D 108 9.13 -22.78 -13.44
C VAL D 108 10.04 -21.62 -13.94
N GLU D 109 9.52 -20.36 -13.97
CA GLU D 109 10.31 -19.19 -14.40
C GLU D 109 11.38 -18.82 -13.37
N LEU E 3 -6.49 13.02 -17.57
CA LEU E 3 -5.55 13.94 -16.96
C LEU E 3 -4.80 13.29 -15.78
N LEU E 4 -5.35 13.40 -14.57
CA LEU E 4 -4.82 12.86 -13.34
C LEU E 4 -5.76 11.75 -12.84
N SER E 5 -5.21 10.61 -12.32
CA SER E 5 -6.01 9.50 -11.80
CA SER E 5 -6.03 9.50 -11.82
C SER E 5 -6.81 9.94 -10.58
N THR E 6 -8.02 9.39 -10.40
CA THR E 6 -8.90 9.77 -9.29
C THR E 6 -8.27 9.45 -7.92
N ASP E 7 -7.65 8.26 -7.74
CA ASP E 7 -7.08 7.90 -6.43
C ASP E 7 -5.98 8.90 -5.97
N ILE E 8 -5.18 9.43 -6.92
CA ILE E 8 -4.11 10.42 -6.67
C ILE E 8 -4.77 11.77 -6.35
N TRP E 9 -5.79 12.17 -7.14
CA TRP E 9 -6.54 13.42 -6.91
C TRP E 9 -7.19 13.39 -5.51
N VAL E 10 -7.81 12.24 -5.14
CA VAL E 10 -8.48 12.06 -3.85
C VAL E 10 -7.45 12.18 -2.73
N ALA E 11 -6.32 11.44 -2.86
CA ALA E 11 -5.24 11.48 -1.87
C ALA E 11 -4.74 12.92 -1.68
N ALA E 12 -4.69 13.71 -2.78
CA ALA E 12 -4.22 15.12 -2.76
C ALA E 12 -5.19 16.00 -2.00
N LEU E 13 -6.50 15.83 -2.22
CA LEU E 13 -7.54 16.58 -1.53
C LEU E 13 -7.54 16.28 0.00
N ILE E 14 -7.39 14.98 0.36
CA ILE E 14 -7.38 14.53 1.76
C ILE E 14 -6.16 15.09 2.47
N ARG E 15 -4.97 15.12 1.80
CA ARG E 15 -3.76 15.67 2.44
C ARG E 15 -3.86 17.18 2.65
N ARG E 16 -4.43 17.90 1.66
CA ARG E 16 -4.63 19.35 1.72
C ARG E 16 -5.54 19.71 2.91
N ALA E 17 -6.64 18.94 3.07
CA ALA E 17 -7.61 19.11 4.17
C ALA E 17 -6.96 18.87 5.55
N GLU E 18 -6.18 17.77 5.69
CA GLU E 18 -5.49 17.42 6.94
C GLU E 18 -4.43 18.47 7.32
N LEU E 19 -3.68 19.00 6.31
CA LEU E 19 -2.67 20.05 6.52
C LEU E 19 -3.30 21.40 6.88
N GLY E 20 -4.49 21.66 6.35
CA GLY E 20 -5.25 22.87 6.59
C GLY E 20 -5.99 22.94 7.92
N GLY E 21 -6.00 21.81 8.66
CA GLY E 21 -6.64 21.73 9.98
C GLY E 21 -7.89 20.86 10.07
N ALA E 22 -8.29 20.20 8.96
CA ALA E 22 -9.51 19.39 8.93
C ALA E 22 -9.26 17.89 9.10
N PHE E 23 -10.38 17.13 9.21
CA PHE E 23 -10.41 15.67 9.25
C PHE E 23 -11.01 15.23 7.94
N ALA E 24 -10.27 14.46 7.13
CA ALA E 24 -10.75 14.00 5.83
C ALA E 24 -10.55 12.51 5.68
N THR E 25 -11.63 11.82 5.23
CA THR E 25 -11.64 10.37 5.06
CA THR E 25 -11.65 10.36 5.05
C THR E 25 -12.35 9.98 3.76
N VAL E 26 -12.14 8.73 3.31
CA VAL E 26 -12.81 8.17 2.15
C VAL E 26 -14.02 7.41 2.70
N ALA E 27 -15.25 7.95 2.49
CA ALA E 27 -16.48 7.30 2.93
C ALA E 27 -16.80 6.12 2.00
N ARG E 28 -16.53 6.29 0.70
CA ARG E 28 -16.71 5.28 -0.32
C ARG E 28 -15.59 5.34 -1.37
N LYS E 29 -14.90 4.21 -1.57
CA LYS E 29 -13.82 4.09 -2.56
C LYS E 29 -14.43 3.62 -3.89
N GLY E 30 -14.26 4.41 -4.94
CA GLY E 30 -14.76 4.08 -6.27
C GLY E 30 -13.65 3.59 -7.19
N ASP E 31 -13.82 3.78 -8.52
CA ASP E 31 -12.80 3.37 -9.50
C ASP E 31 -11.58 4.28 -9.39
N ALA E 32 -10.39 3.67 -9.29
CA ALA E 32 -9.10 4.36 -9.08
C ALA E 32 -8.68 5.30 -10.23
N ARG E 33 -8.82 4.85 -11.50
CA ARG E 33 -8.38 5.63 -12.67
CA ARG E 33 -8.39 5.62 -12.68
C ARG E 33 -9.31 6.82 -12.98
N ALA E 34 -10.61 6.57 -13.26
CA ALA E 34 -11.53 7.66 -13.67
C ALA E 34 -12.87 7.66 -12.95
N GLY E 35 -12.89 7.20 -11.70
CA GLY E 35 -14.10 7.22 -10.90
C GLY E 35 -14.53 8.65 -10.60
N ALA E 36 -15.84 8.91 -10.65
CA ALA E 36 -16.40 10.24 -10.31
C ALA E 36 -16.28 10.45 -8.81
N VAL E 37 -16.28 11.70 -8.34
CA VAL E 37 -16.12 12.01 -6.92
C VAL E 37 -17.20 12.98 -6.42
N LEU E 38 -17.78 12.69 -5.24
CA LEU E 38 -18.65 13.57 -4.48
C LEU E 38 -17.86 14.03 -3.26
N VAL E 39 -17.86 15.34 -2.96
CA VAL E 39 -17.15 15.87 -1.80
C VAL E 39 -18.18 16.43 -0.78
N LYS E 40 -18.15 15.93 0.46
CA LYS E 40 -19.05 16.46 1.48
C LYS E 40 -18.20 17.22 2.49
N ALA E 41 -18.39 18.54 2.54
CA ALA E 41 -17.68 19.43 3.44
C ALA E 41 -18.60 19.78 4.58
N VAL E 42 -18.30 19.27 5.80
CA VAL E 42 -19.12 19.46 7.01
C VAL E 42 -18.46 20.48 7.93
N ASP E 43 -19.26 21.46 8.40
CA ASP E 43 -18.80 22.43 9.38
C ASP E 43 -18.92 21.75 10.75
N ARG E 44 -17.76 21.42 11.34
CA ARG E 44 -17.59 20.74 12.61
C ARG E 44 -18.30 21.44 13.75
N ARG E 45 -18.26 22.79 13.78
CA ARG E 45 -18.84 23.61 14.83
C ARG E 45 -20.34 23.87 14.61
N GLU E 46 -20.70 24.55 13.49
CA GLU E 46 -22.07 24.97 13.18
C GLU E 46 -23.04 23.82 12.85
N GLY E 47 -22.54 22.72 12.28
CA GLY E 47 -23.37 21.57 11.93
C GLY E 47 -23.78 21.51 10.47
N THR E 48 -23.68 22.64 9.74
CA THR E 48 -24.01 22.72 8.31
C THR E 48 -23.06 21.89 7.47
N ALA E 49 -23.55 21.43 6.34
CA ALA E 49 -22.75 20.68 5.39
C ALA E 49 -23.06 21.08 3.97
N ARG E 50 -22.11 20.84 3.06
CA ARG E 50 -22.28 21.10 1.62
C ARG E 50 -21.83 19.87 0.82
N LEU E 51 -22.55 19.51 -0.25
CA LEU E 51 -22.18 18.37 -1.11
C LEU E 51 -21.83 18.89 -2.50
N PHE E 52 -20.60 18.60 -2.96
CA PHE E 52 -20.13 19.06 -4.26
C PHE E 52 -19.95 17.91 -5.23
N SER E 53 -20.41 18.12 -6.47
CA SER E 53 -20.27 17.16 -7.56
C SER E 53 -19.58 17.82 -8.75
N GLU E 54 -19.02 16.99 -9.64
CA GLU E 54 -18.28 17.44 -10.82
C GLU E 54 -19.21 17.89 -11.93
N ALA E 55 -18.71 18.80 -12.76
CA ALA E 55 -19.39 19.33 -13.95
C ALA E 55 -18.36 19.95 -14.89
N THR E 56 -18.55 19.79 -16.20
CA THR E 56 -17.63 20.34 -17.19
C THR E 56 -18.29 21.51 -17.92
N ARG E 57 -17.47 22.55 -18.22
CA ARG E 57 -17.90 23.75 -18.95
CA ARG E 57 -17.92 23.75 -18.94
C ARG E 57 -17.93 23.47 -20.45
N GLY E 58 -18.40 24.43 -21.24
CA GLY E 58 -18.48 24.34 -22.70
C GLY E 58 -17.14 24.12 -23.35
N ASP E 59 -16.08 24.75 -22.81
CA ASP E 59 -14.70 24.63 -23.27
C ASP E 59 -14.05 23.34 -22.70
N GLY E 60 -14.67 22.75 -21.69
CA GLY E 60 -14.23 21.52 -21.04
C GLY E 60 -13.60 21.70 -19.67
N GLU E 61 -13.66 22.93 -19.12
CA GLU E 61 -13.09 23.24 -17.81
C GLU E 61 -13.94 22.63 -16.69
N ARG E 62 -13.32 21.80 -15.83
CA ARG E 62 -13.97 21.15 -14.70
C ARG E 62 -14.23 22.18 -13.58
N PHE E 63 -15.44 22.14 -13.02
CA PHE E 63 -15.85 23.00 -11.91
C PHE E 63 -16.73 22.19 -10.95
N TRP E 64 -17.01 22.77 -9.77
CA TRP E 64 -17.79 22.11 -8.73
C TRP E 64 -19.09 22.84 -8.48
N GLN E 66 -23.26 22.30 -6.33
CA GLN E 66 -24.01 21.60 -5.30
C GLN E 66 -25.28 21.06 -5.95
N PRO E 67 -25.39 19.72 -6.18
CA PRO E 67 -26.56 19.18 -6.90
C PRO E 67 -27.90 19.27 -6.15
N VAL E 68 -27.85 19.44 -4.82
CA VAL E 68 -29.02 19.50 -3.95
CA VAL E 68 -29.08 19.57 -4.03
C VAL E 68 -29.05 20.85 -3.21
N ARG E 69 -30.25 21.48 -3.10
CA ARG E 69 -30.41 22.72 -2.37
C ARG E 69 -30.70 22.40 -0.88
N SER E 70 -29.62 22.08 -0.13
CA SER E 70 -29.67 21.76 1.30
C SER E 70 -28.30 21.87 1.95
N THR E 71 -28.28 22.18 3.25
CA THR E 71 -27.07 22.22 4.08
C THR E 71 -27.24 21.30 5.31
N PHE E 72 -28.30 20.47 5.29
CA PHE E 72 -28.63 19.51 6.35
C PHE E 72 -27.96 18.16 6.01
N GLU E 73 -26.89 17.83 6.74
CA GLU E 73 -26.04 16.64 6.53
C GLU E 73 -26.84 15.33 6.22
N PRO E 74 -27.88 14.88 6.99
CA PRO E 74 -28.56 13.62 6.63
C PRO E 74 -29.16 13.62 5.21
N ASP E 75 -29.62 14.79 4.69
CA ASP E 75 -30.12 14.91 3.29
C ASP E 75 -29.01 14.58 2.30
N LEU E 76 -27.83 15.22 2.51
CA LEU E 76 -26.64 15.11 1.68
C LEU E 76 -26.08 13.68 1.72
N ASP E 77 -26.10 13.02 2.91
CA ASP E 77 -25.66 11.62 3.03
C ASP E 77 -26.63 10.73 2.24
N ALA E 78 -27.94 10.97 2.37
CA ALA E 78 -28.98 10.21 1.63
C ALA E 78 -28.74 10.33 0.11
N TYR E 79 -28.41 11.54 -0.37
CA TYR E 79 -28.16 11.83 -1.77
C TYR E 79 -26.89 11.12 -2.29
N ALA E 80 -25.80 11.12 -1.50
CA ALA E 80 -24.53 10.48 -1.87
C ALA E 80 -24.69 8.94 -2.00
N GLU E 81 -25.55 8.34 -1.15
CA GLU E 81 -25.87 6.92 -1.15
C GLU E 81 -26.62 6.52 -2.43
N ARG E 82 -27.56 7.38 -2.85
CA ARG E 82 -28.35 7.23 -4.07
C ARG E 82 -27.39 7.29 -5.29
N ALA E 83 -26.48 8.30 -5.31
CA ALA E 83 -25.47 8.51 -6.35
C ALA E 83 -24.55 7.27 -6.53
N ALA E 84 -24.21 6.58 -5.42
CA ALA E 84 -23.38 5.37 -5.43
C ALA E 84 -24.14 4.17 -6.03
N ARG E 85 -25.49 4.14 -5.85
CA ARG E 85 -26.34 3.08 -6.42
C ARG E 85 -26.43 3.26 -7.95
N ILE E 86 -26.58 4.54 -8.41
CA ILE E 86 -26.62 4.93 -9.83
C ILE E 86 -25.25 4.63 -10.47
N ASP E 87 -24.14 5.10 -9.84
CA ASP E 87 -22.78 4.92 -10.33
C ASP E 87 -21.90 4.20 -9.28
N PRO E 88 -21.67 2.87 -9.43
CA PRO E 88 -20.83 2.14 -8.46
C PRO E 88 -19.33 2.47 -8.53
N ASP E 89 -18.92 3.34 -9.48
CA ASP E 89 -17.53 3.76 -9.63
C ASP E 89 -17.24 5.06 -8.88
N ILE E 90 -18.29 5.68 -8.31
CA ILE E 90 -18.18 6.95 -7.59
C ILE E 90 -17.39 6.85 -6.26
N TRP E 91 -16.64 7.92 -5.95
CA TRP E 91 -15.95 8.13 -4.68
C TRP E 91 -16.80 9.08 -3.84
N VAL E 92 -16.73 8.94 -2.52
CA VAL E 92 -17.39 9.84 -1.57
C VAL E 92 -16.32 10.19 -0.55
N VAL E 93 -15.91 11.48 -0.54
CA VAL E 93 -14.89 12.01 0.37
C VAL E 93 -15.60 12.90 1.38
N GLU E 94 -15.40 12.63 2.68
CA GLU E 94 -16.00 13.44 3.75
C GLU E 94 -14.93 14.28 4.43
N ILE E 95 -15.19 15.60 4.54
CA ILE E 95 -14.26 16.53 5.16
C ILE E 95 -14.96 17.23 6.32
N GLU E 96 -14.37 17.14 7.52
CA GLU E 96 -14.90 17.80 8.72
C GLU E 96 -13.93 18.90 9.09
N ASP E 97 -14.35 20.16 8.87
CA ASP E 97 -13.50 21.32 9.11
C ASP E 97 -14.20 22.34 10.01
N ARG E 98 -13.42 23.04 10.85
CA ARG E 98 -13.87 24.07 11.80
C ARG E 98 -14.66 25.19 11.09
N ASP E 99 -14.29 25.53 9.84
CA ASP E 99 -14.94 26.57 9.03
C ASP E 99 -15.73 25.96 7.86
N GLY E 100 -15.83 24.63 7.81
CA GLY E 100 -16.55 23.90 6.77
C GLY E 100 -15.92 24.02 5.39
N ARG E 101 -14.60 24.21 5.34
CA ARG E 101 -13.90 24.35 4.06
C ARG E 101 -13.93 23.06 3.24
N HIS E 102 -14.02 23.18 1.91
CA HIS E 102 -14.04 22.04 0.99
C HIS E 102 -12.62 21.66 0.52
N PHE E 103 -11.66 22.62 0.54
CA PHE E 103 -10.24 22.47 0.14
C PHE E 103 -10.08 22.13 -1.37
N LEU E 104 -11.08 22.47 -2.20
CA LEU E 104 -11.04 22.23 -3.65
C LEU E 104 -10.23 23.33 -4.36
N THR E 105 -9.37 22.94 -5.32
CA THR E 105 -8.51 23.91 -6.06
C THR E 105 -9.14 24.31 -7.40
N GLU E 106 -10.19 23.59 -7.84
CA GLU E 106 -10.91 23.88 -9.08
C GLU E 106 -12.01 24.93 -8.78
N PRO E 107 -12.51 25.69 -9.79
CA PRO E 107 -13.59 26.67 -9.50
C PRO E 107 -14.84 26.01 -8.89
N VAL E 108 -15.44 26.66 -7.89
CA VAL E 108 -16.63 26.20 -7.17
C VAL E 108 -17.73 27.27 -7.33
N GLU E 109 -18.95 26.85 -7.74
CA GLU E 109 -20.11 27.72 -7.96
C GLU E 109 -20.57 28.40 -6.67
#